data_9R4P
#
_entry.id   9R4P
#
_cell.length_a   107.090
_cell.length_b   107.090
_cell.length_c   127.267
_cell.angle_alpha   90.000
_cell.angle_beta   90.000
_cell.angle_gamma   120.000
#
_symmetry.space_group_name_H-M   'P 31 2 1'
#
loop_
_entity.id
_entity.type
_entity.pdbx_description
1 polymer CtGH76
2 branched alpha-D-mannopyranose-(1-6)-alpha-D-mannopyranose
3 non-polymer alpha-D-mannopyranose
4 water water
#
_entity_poly.entity_id   1
_entity_poly.type   'polypeptide(L)'
_entity_poly.pdbx_seq_one_letter_code
;MAGIADLTAALASADRNRVTRVEAMRRSPTTISLSTLGALSALWGILYFMTCSGRNSRGVLADASSGMLQTRQSDSESLN
STGLAQAAINGLNARFYESSNARWSSDEPWWISGVALTMVIEYMRRSGSKEYLDQVEDVIEVQRQPLSWWPSGEGEFRAD
ATDNTGWWALAMVRMYDLTGNEDYLNISIKDEAYMRQWWTDTECGGGLYVDIQDLTYKNAIANELYLKLVASLANRAPNA
TIYLDRAQQAWTWFLGSGMINGVNLINDGLARDSNTGSCYNNRLPVWTYNQGVILGALVELYHATKDESYLLSAQAIADA
VLSPSNGLTSSSGVLTETCEGSDSCNQDQQVFKGVFALNLAELGDAVAGASSDPDAGQDYREYLDTNMQSMYANDRSEIV
PTLFDSSTGDLYDVSWSGPFRNATMPKQASAIGLYVANI
;
_entity_poly.pdbx_strand_id   A
#
loop_
_chem_comp.id
_chem_comp.type
_chem_comp.name
_chem_comp.formula
MAN D-saccharide, alpha linking alpha-D-mannopyranose 'C6 H12 O6'
#
# COMPACT_ATOMS: atom_id res chain seq x y z
N SER A 78 4.47 -8.19 -27.11
CA SER A 78 4.49 -8.60 -25.71
C SER A 78 3.42 -7.89 -24.90
N LEU A 79 3.81 -7.40 -23.71
CA LEU A 79 2.87 -6.84 -22.74
C LEU A 79 3.39 -5.48 -22.32
N ASN A 80 2.69 -4.42 -22.72
CA ASN A 80 3.06 -3.06 -22.34
C ASN A 80 2.31 -2.66 -21.08
N SER A 81 2.96 -2.83 -19.92
CA SER A 81 2.31 -2.52 -18.65
C SER A 81 1.94 -1.04 -18.56
N THR A 82 2.71 -0.16 -19.22
CA THR A 82 2.38 1.25 -19.20
C THR A 82 1.05 1.51 -19.92
N GLY A 83 0.85 0.88 -21.08
CA GLY A 83 -0.41 1.05 -21.78
C GLY A 83 -1.60 0.51 -21.02
N LEU A 84 -1.42 -0.62 -20.33
CA LEU A 84 -2.52 -1.23 -19.59
C LEU A 84 -2.77 -0.53 -18.26
N ALA A 85 -1.72 -0.06 -17.59
CA ALA A 85 -1.92 0.81 -16.43
C ALA A 85 -2.84 1.97 -16.79
N GLN A 86 -2.49 2.71 -17.84
CA GLN A 86 -3.29 3.86 -18.23
C GLN A 86 -4.73 3.46 -18.56
N ALA A 87 -4.91 2.34 -19.25
CA ALA A 87 -6.26 1.88 -19.57
C ALA A 87 -7.01 1.52 -18.29
N ALA A 88 -6.31 0.96 -17.30
CA ALA A 88 -6.99 0.63 -16.05
C ALA A 88 -7.36 1.90 -15.29
N ILE A 89 -6.45 2.87 -15.24
CA ILE A 89 -6.76 4.16 -14.62
C ILE A 89 -7.93 4.83 -15.33
N ASN A 90 -7.94 4.77 -16.66
CA ASN A 90 -9.09 5.30 -17.40
C ASN A 90 -10.37 4.57 -17.00
N GLY A 91 -10.29 3.24 -16.84
CA GLY A 91 -11.47 2.49 -16.42
C GLY A 91 -11.89 2.82 -15.00
N LEU A 92 -10.93 2.91 -14.08
CA LEU A 92 -11.22 3.42 -12.75
C LEU A 92 -11.91 4.79 -12.82
N ASN A 93 -11.39 5.69 -13.66
CA ASN A 93 -11.95 7.04 -13.70
C ASN A 93 -13.35 7.04 -14.30
N ALA A 94 -13.54 6.27 -15.37
CA ALA A 94 -14.82 6.34 -16.09
C ALA A 94 -15.96 5.75 -15.27
N ARG A 95 -15.65 4.78 -14.42
CA ARG A 95 -16.69 4.12 -13.63
C ARG A 95 -16.84 4.68 -12.23
N PHE A 96 -15.75 5.12 -11.60
CA PHE A 96 -15.78 5.39 -10.16
C PHE A 96 -15.39 6.79 -9.74
N TYR A 97 -14.76 7.57 -10.62
CA TYR A 97 -14.36 8.92 -10.24
C TYR A 97 -15.57 9.85 -10.19
N GLU A 98 -15.68 10.62 -9.10
CA GLU A 98 -16.76 11.59 -8.93
C GLU A 98 -16.18 13.00 -9.09
N SER A 99 -16.46 13.64 -10.23
CA SER A 99 -15.94 15.00 -10.45
C SER A 99 -16.44 15.96 -9.37
N SER A 100 -17.74 15.91 -9.06
CA SER A 100 -18.33 16.82 -8.10
C SER A 100 -17.71 16.70 -6.70
N ASN A 101 -17.20 15.51 -6.34
CA ASN A 101 -16.69 15.27 -5.00
C ASN A 101 -15.16 15.17 -4.93
N ALA A 102 -14.47 15.27 -6.07
CA ALA A 102 -13.01 15.10 -6.16
C ALA A 102 -12.53 13.90 -5.36
N ARG A 103 -13.11 12.74 -5.66
CA ARG A 103 -12.92 11.50 -4.92
C ARG A 103 -13.49 10.38 -5.77
N TRP A 104 -12.97 9.17 -5.58
CA TRP A 104 -13.52 7.97 -6.19
C TRP A 104 -14.48 7.31 -5.21
N SER A 105 -15.70 7.02 -5.67
CA SER A 105 -16.61 6.15 -4.95
C SER A 105 -16.80 6.54 -3.49
N SER A 106 -17.71 7.48 -3.23
CA SER A 106 -17.98 7.91 -1.87
C SER A 106 -18.59 6.80 -1.03
N ASP A 107 -19.08 5.74 -1.65
CA ASP A 107 -19.68 4.61 -0.97
C ASP A 107 -18.67 3.52 -0.61
N GLU A 108 -17.40 3.73 -0.89
CA GLU A 108 -16.34 2.82 -0.50
C GLU A 108 -15.41 3.50 0.49
N PRO A 109 -14.61 2.74 1.24
CA PRO A 109 -13.76 3.33 2.27
C PRO A 109 -12.94 4.50 1.73
N TRP A 110 -13.02 5.62 2.45
CA TRP A 110 -12.26 6.80 2.10
C TRP A 110 -10.78 6.49 1.95
N TRP A 111 -10.23 5.60 2.80
CA TRP A 111 -8.79 5.34 2.71
C TRP A 111 -8.42 4.67 1.39
N ILE A 112 -9.37 4.05 0.70
CA ILE A 112 -9.04 3.40 -0.57
C ILE A 112 -8.93 4.43 -1.69
N SER A 113 -9.66 5.56 -1.58
CA SER A 113 -9.38 6.70 -2.45
C SER A 113 -7.93 7.13 -2.32
N GLY A 114 -7.37 7.09 -1.10
CA GLY A 114 -5.97 7.43 -0.91
C GLY A 114 -5.04 6.44 -1.61
N VAL A 115 -5.36 5.15 -1.50
CA VAL A 115 -4.58 4.14 -2.22
C VAL A 115 -4.67 4.37 -3.71
N ALA A 116 -5.89 4.59 -4.23
CA ALA A 116 -6.05 4.89 -5.65
C ALA A 116 -5.17 6.06 -6.06
N LEU A 117 -5.17 7.14 -5.28
CA LEU A 117 -4.33 8.29 -5.59
C LEU A 117 -2.86 7.88 -5.67
N THR A 118 -2.42 7.01 -4.76
CA THR A 118 -1.04 6.54 -4.79
C THR A 118 -0.72 5.82 -6.09
N MET A 119 -1.66 5.01 -6.58
CA MET A 119 -1.43 4.25 -7.81
C MET A 119 -1.30 5.20 -9.00
N VAL A 120 -2.19 6.19 -9.08
CA VAL A 120 -2.11 7.15 -10.18
C VAL A 120 -0.81 7.96 -10.09
N ILE A 121 -0.47 8.43 -8.89
CA ILE A 121 0.79 9.15 -8.73
C ILE A 121 1.97 8.25 -9.11
N GLU A 122 1.92 6.98 -8.70
CA GLU A 122 3.02 6.07 -8.97
C GLU A 122 3.12 5.75 -10.46
N TYR A 123 1.97 5.58 -11.13
CA TYR A 123 1.98 5.42 -12.58
C TYR A 123 2.73 6.57 -13.23
N MET A 124 2.33 7.80 -12.90
CA MET A 124 2.95 8.97 -13.50
C MET A 124 4.44 9.02 -13.16
N ARG A 125 4.78 8.69 -11.91
CA ARG A 125 6.16 8.78 -11.49
C ARG A 125 7.05 7.75 -12.20
N ARG A 126 6.53 6.56 -12.46
CA ARG A 126 7.34 5.51 -13.08
C ARG A 126 7.31 5.53 -14.59
N SER A 127 6.24 6.05 -15.20
CA SER A 127 6.11 6.10 -16.65
C SER A 127 6.53 7.43 -17.26
N GLY A 128 6.77 8.45 -16.43
CA GLY A 128 7.14 9.76 -16.93
C GLY A 128 5.99 10.60 -17.45
N SER A 129 4.80 10.03 -17.59
CA SER A 129 3.63 10.78 -18.02
C SER A 129 3.15 11.70 -16.90
N LYS A 130 2.29 12.65 -17.27
CA LYS A 130 1.66 13.55 -16.32
C LYS A 130 0.20 13.80 -16.68
N GLU A 131 -0.45 12.82 -17.30
CA GLU A 131 -1.79 13.04 -17.84
C GLU A 131 -2.85 13.15 -16.75
N TYR A 132 -2.59 12.67 -15.55
CA TYR A 132 -3.57 12.75 -14.48
C TYR A 132 -3.16 13.73 -13.38
N LEU A 133 -2.14 14.55 -13.65
CA LEU A 133 -1.62 15.43 -12.60
C LEU A 133 -2.62 16.49 -12.20
N ASP A 134 -3.39 17.02 -13.15
CA ASP A 134 -4.45 17.95 -12.79
C ASP A 134 -5.49 17.28 -11.90
N GLN A 135 -5.95 16.09 -12.30
CA GLN A 135 -6.95 15.38 -11.51
C GLN A 135 -6.44 15.09 -10.10
N VAL A 136 -5.22 14.55 -9.99
CA VAL A 136 -4.64 14.26 -8.68
C VAL A 136 -4.66 15.51 -7.80
N GLU A 137 -4.26 16.65 -8.37
CA GLU A 137 -4.16 17.88 -7.58
C GLU A 137 -5.53 18.35 -7.11
N ASP A 138 -6.57 18.18 -7.92
CA ASP A 138 -7.93 18.45 -7.46
C ASP A 138 -8.30 17.57 -6.26
N VAL A 139 -8.05 16.25 -6.36
CA VAL A 139 -8.35 15.36 -5.25
C VAL A 139 -7.64 15.81 -3.99
N ILE A 140 -6.35 16.13 -4.10
CA ILE A 140 -5.60 16.54 -2.90
C ILE A 140 -6.23 17.76 -2.27
N GLU A 141 -6.50 18.82 -3.06
CA GLU A 141 -6.99 20.07 -2.51
C GLU A 141 -8.29 19.88 -1.74
N VAL A 142 -9.13 18.95 -2.16
CA VAL A 142 -10.43 18.76 -1.51
C VAL A 142 -10.32 17.80 -0.32
N GLN A 143 -9.64 16.67 -0.47
CA GLN A 143 -9.50 15.75 0.66
C GLN A 143 -8.56 16.28 1.73
N ARG A 144 -7.77 17.31 1.38
CA ARG A 144 -6.94 18.05 2.33
C ARG A 144 -7.77 18.75 3.39
N GLN A 145 -9.04 19.03 3.10
CA GLN A 145 -9.84 19.86 3.98
C GLN A 145 -10.27 19.10 5.22
N PRO A 146 -10.56 19.81 6.32
CA PRO A 146 -11.02 19.14 7.55
C PRO A 146 -12.18 18.19 7.30
N LEU A 147 -12.02 16.92 7.66
CA LEU A 147 -13.04 15.92 7.38
C LEU A 147 -14.29 16.17 8.19
N SER A 148 -15.45 15.97 7.55
CA SER A 148 -16.72 16.17 8.25
C SER A 148 -16.87 15.18 9.40
N TRP A 149 -16.41 13.94 9.22
CA TRP A 149 -16.49 12.92 10.25
C TRP A 149 -15.33 12.94 11.23
N TRP A 150 -14.34 13.82 11.03
CA TRP A 150 -13.24 13.97 11.98
C TRP A 150 -12.69 15.39 11.92
N PRO A 151 -13.46 16.36 12.43
CA PRO A 151 -12.96 17.75 12.43
C PRO A 151 -11.84 18.00 13.43
N SER A 152 -11.73 17.20 14.49
CA SER A 152 -10.61 17.35 15.42
C SER A 152 -9.27 17.07 14.74
N GLY A 153 -9.27 16.34 13.62
CA GLY A 153 -8.04 16.17 12.86
C GLY A 153 -7.51 17.46 12.24
N GLU A 154 -8.39 18.41 11.96
CA GLU A 154 -8.02 19.70 11.37
C GLU A 154 -7.42 19.52 9.97
N GLY A 155 -7.99 18.59 9.19
CA GLY A 155 -7.55 18.40 7.83
C GLY A 155 -6.13 17.87 7.70
N GLU A 156 -5.58 18.11 6.50
CA GLU A 156 -4.28 17.57 6.10
C GLU A 156 -4.23 16.04 6.22
N PHE A 157 -5.39 15.40 6.01
CA PHE A 157 -5.59 13.95 6.03
C PHE A 157 -5.52 13.35 7.42
N ARG A 158 -5.49 14.17 8.48
CA ARG A 158 -5.48 13.64 9.84
C ARG A 158 -6.89 13.19 10.19
N ALA A 159 -7.13 11.87 10.20
CA ALA A 159 -8.46 11.29 10.26
C ALA A 159 -8.70 10.56 11.59
N ASP A 160 -9.81 9.83 11.66
CA ASP A 160 -10.28 9.14 12.85
C ASP A 160 -9.52 7.85 13.15
N ALA A 161 -8.58 7.44 12.30
CA ALA A 161 -7.76 6.27 12.59
C ALA A 161 -6.35 6.52 12.08
N THR A 162 -5.38 5.90 12.74
CA THR A 162 -4.00 6.10 12.33
C THR A 162 -3.73 5.46 10.98
N ASP A 163 -4.47 4.41 10.60
CA ASP A 163 -4.23 3.82 9.29
C ASP A 163 -4.90 4.61 8.18
N ASN A 164 -6.08 5.17 8.43
CA ASN A 164 -6.66 6.16 7.52
C ASN A 164 -5.62 7.23 7.16
N THR A 165 -5.11 7.94 8.17
CA THR A 165 -4.12 8.98 7.95
C THR A 165 -2.91 8.45 7.18
N GLY A 166 -2.45 7.24 7.53
CA GLY A 166 -1.19 6.74 6.99
C GLY A 166 -1.22 6.51 5.49
N TRP A 167 -2.35 6.03 4.97
CA TRP A 167 -2.45 5.84 3.53
C TRP A 167 -2.29 7.16 2.79
N TRP A 168 -3.02 8.20 3.19
CA TRP A 168 -2.88 9.48 2.51
C TRP A 168 -1.48 10.07 2.73
N ALA A 169 -0.92 9.92 3.94
CA ALA A 169 0.43 10.39 4.20
C ALA A 169 1.44 9.83 3.19
N LEU A 170 1.36 8.52 2.94
CA LEU A 170 2.30 7.93 1.99
C LEU A 170 2.03 8.42 0.57
N ALA A 171 0.77 8.68 0.23
CA ALA A 171 0.48 9.27 -1.07
C ALA A 171 1.14 10.64 -1.23
N MET A 172 1.13 11.45 -0.16
CA MET A 172 1.80 12.75 -0.23
C MET A 172 3.30 12.58 -0.40
N VAL A 173 3.90 11.55 0.19
CA VAL A 173 5.31 11.28 -0.05
C VAL A 173 5.57 11.01 -1.52
N ARG A 174 4.71 10.19 -2.16
CA ARG A 174 4.88 9.96 -3.59
C ARG A 174 4.58 11.22 -4.39
N MET A 175 3.53 11.95 -4.04
CA MET A 175 3.28 13.26 -4.65
C MET A 175 4.53 14.13 -4.60
N TYR A 176 5.19 14.21 -3.45
CA TYR A 176 6.43 14.97 -3.34
C TYR A 176 7.49 14.42 -4.26
N ASP A 177 7.62 13.09 -4.33
CA ASP A 177 8.60 12.46 -5.20
C ASP A 177 8.37 12.81 -6.66
N LEU A 178 7.10 12.91 -7.05
CA LEU A 178 6.76 13.20 -8.44
C LEU A 178 7.02 14.67 -8.78
N THR A 179 6.51 15.58 -7.96
CA THR A 179 6.55 17.01 -8.24
C THR A 179 7.75 17.73 -7.62
N GLY A 180 8.18 17.33 -6.43
CA GLY A 180 9.19 18.10 -5.73
C GLY A 180 8.65 19.30 -4.96
N ASN A 181 7.33 19.45 -4.89
CA ASN A 181 6.68 20.51 -4.13
C ASN A 181 6.78 20.22 -2.63
N GLU A 182 7.46 21.11 -1.90
CA GLU A 182 7.53 21.06 -0.44
C GLU A 182 6.17 20.92 0.20
N ASP A 183 5.12 21.47 -0.42
CA ASP A 183 3.79 21.43 0.18
C ASP A 183 3.39 20.00 0.54
N TYR A 184 3.55 19.06 -0.39
CA TYR A 184 3.13 17.68 -0.11
C TYR A 184 3.97 17.05 0.98
N LEU A 185 5.29 17.25 0.93
CA LEU A 185 6.14 16.75 2.01
C LEU A 185 5.68 17.29 3.36
N ASN A 186 5.23 18.54 3.41
CA ASN A 186 4.76 19.11 4.67
C ASN A 186 3.52 18.39 5.19
N ILE A 187 2.61 17.98 4.30
CA ILE A 187 1.48 17.16 4.75
C ILE A 187 1.98 15.89 5.43
N SER A 188 2.94 15.18 4.81
CA SER A 188 3.48 13.98 5.41
C SER A 188 4.10 14.25 6.77
N ILE A 189 4.76 15.40 6.92
CA ILE A 189 5.36 15.71 8.22
C ILE A 189 4.26 15.90 9.26
N LYS A 190 3.22 16.65 8.91
CA LYS A 190 2.09 16.81 9.81
C LYS A 190 1.45 15.46 10.16
N ASP A 191 1.40 14.53 9.20
CA ASP A 191 0.73 13.26 9.45
C ASP A 191 1.56 12.37 10.36
N GLU A 192 2.89 12.39 10.21
CA GLU A 192 3.76 11.66 11.12
C GLU A 192 3.53 12.12 12.55
N ALA A 193 3.49 13.43 12.78
CA ALA A 193 3.32 13.94 14.13
C ALA A 193 1.94 13.61 14.69
N TYR A 194 0.92 13.60 13.84
CA TYR A 194 -0.41 13.20 14.29
C TYR A 194 -0.43 11.73 14.70
N MET A 195 0.10 10.84 13.85
CA MET A 195 0.09 9.41 14.16
C MET A 195 0.86 9.10 15.44
N ARG A 196 2.06 9.68 15.59
CA ARG A 196 2.89 9.42 16.77
C ARG A 196 2.17 9.77 18.07
N GLN A 197 1.09 10.54 17.99
CA GLN A 197 0.33 10.85 19.19
C GLN A 197 -0.19 9.60 19.87
N TRP A 198 -0.41 8.52 19.11
CA TRP A 198 -0.95 7.30 19.66
C TRP A 198 0.06 6.17 19.68
N TRP A 199 1.35 6.50 19.63
CA TRP A 199 2.40 5.55 19.97
C TRP A 199 2.57 5.55 21.48
N THR A 200 2.44 4.38 22.10
CA THR A 200 2.63 4.25 23.54
C THR A 200 3.68 3.18 23.81
N ASP A 201 4.64 3.51 24.67
CA ASP A 201 5.66 2.57 25.11
C ASP A 201 5.18 1.72 26.28
N THR A 202 4.00 2.03 26.84
CA THR A 202 3.56 1.36 28.05
C THR A 202 2.77 0.08 27.79
N GLU A 203 2.11 -0.05 26.64
CA GLU A 203 1.54 -1.32 26.19
C GLU A 203 2.37 -1.86 25.04
N CYS A 204 2.64 -3.17 25.09
CA CYS A 204 3.40 -3.89 24.08
C CYS A 204 4.82 -3.38 23.93
N GLY A 205 5.29 -2.58 24.88
CA GLY A 205 6.58 -1.93 24.76
C GLY A 205 6.74 -1.04 23.55
N GLY A 206 5.65 -0.60 22.94
CA GLY A 206 5.75 0.28 21.80
C GLY A 206 4.59 0.07 20.84
N GLY A 207 4.78 0.56 19.62
CA GLY A 207 3.77 0.49 18.59
C GLY A 207 2.64 1.49 18.82
N LEU A 208 1.88 1.79 17.78
CA LEU A 208 0.75 2.70 17.93
C LEU A 208 -0.56 1.95 17.76
N TYR A 209 -1.61 2.54 18.30
CA TYR A 209 -2.96 2.01 18.14
C TYR A 209 -3.50 2.40 16.77
N VAL A 210 -4.47 1.63 16.31
CA VAL A 210 -5.15 1.94 15.08
C VAL A 210 -6.47 2.66 15.34
N ASP A 211 -7.17 2.28 16.42
CA ASP A 211 -8.49 2.84 16.72
C ASP A 211 -8.29 4.04 17.64
N ILE A 212 -8.22 5.22 17.03
CA ILE A 212 -7.91 6.44 17.77
C ILE A 212 -8.93 6.68 18.87
N GLN A 213 -10.19 6.42 18.57
CA GLN A 213 -11.25 6.63 19.55
C GLN A 213 -11.30 5.58 20.66
N ASP A 214 -10.72 4.39 20.46
CA ASP A 214 -10.91 3.31 21.41
C ASP A 214 -9.63 2.75 22.00
N LEU A 215 -8.54 2.70 21.24
CA LEU A 215 -7.23 2.30 21.77
C LEU A 215 -7.26 0.87 22.30
N THR A 216 -7.67 -0.05 21.43
CA THR A 216 -7.78 -1.46 21.80
C THR A 216 -7.05 -2.41 20.86
N TYR A 217 -6.34 -1.90 19.87
CA TYR A 217 -5.75 -2.76 18.85
C TYR A 217 -4.52 -2.07 18.26
N LYS A 218 -3.35 -2.66 18.46
CA LYS A 218 -2.14 -2.29 17.73
C LYS A 218 -1.95 -3.36 16.66
N ASN A 219 -2.40 -3.08 15.45
CA ASN A 219 -2.41 -4.09 14.40
C ASN A 219 -1.16 -3.95 13.55
N ALA A 220 -1.07 -4.76 12.48
CA ALA A 220 0.13 -4.73 11.65
C ALA A 220 0.10 -3.59 10.64
N ILE A 221 -1.07 -3.29 10.07
CA ILE A 221 -1.09 -2.35 8.96
C ILE A 221 -0.75 -0.95 9.45
N ALA A 222 -1.35 -0.51 10.56
CA ALA A 222 -1.06 0.81 11.08
C ALA A 222 0.41 0.98 11.39
N ASN A 223 1.04 0.00 12.03
CA ASN A 223 2.43 0.17 12.37
C ASN A 223 3.33 0.00 11.15
N GLU A 224 2.89 -0.76 10.15
CA GLU A 224 3.66 -0.84 8.92
C GLU A 224 3.60 0.49 8.17
N LEU A 225 2.43 1.12 8.10
CA LEU A 225 2.31 2.41 7.43
C LEU A 225 3.17 3.47 8.12
N TYR A 226 3.00 3.60 9.45
CA TYR A 226 3.84 4.52 10.21
C TYR A 226 5.32 4.26 9.96
N LEU A 227 5.74 3.00 9.99
CA LEU A 227 7.15 2.70 9.78
C LEU A 227 7.61 3.19 8.40
N LYS A 228 6.81 2.95 7.37
CA LYS A 228 7.20 3.39 6.04
C LYS A 228 7.17 4.91 5.94
N LEU A 229 6.32 5.58 6.72
CA LEU A 229 6.29 7.04 6.72
C LEU A 229 7.56 7.61 7.33
N VAL A 230 7.90 7.19 8.56
CA VAL A 230 9.10 7.75 9.19
C VAL A 230 10.34 7.35 8.40
N ALA A 231 10.37 6.15 7.83
CA ALA A 231 11.51 5.78 6.99
C ALA A 231 11.58 6.64 5.73
N SER A 232 10.42 6.99 5.16
CA SER A 232 10.43 7.88 4.00
C SER A 232 10.90 9.28 4.39
N LEU A 233 10.39 9.81 5.50
CA LEU A 233 10.79 11.13 5.97
C LEU A 233 12.28 11.17 6.28
N ALA A 234 12.84 10.07 6.79
CA ALA A 234 14.28 10.00 7.07
C ALA A 234 15.12 10.22 5.83
N ASN A 235 14.55 10.02 4.64
CA ASN A 235 15.24 10.23 3.38
C ASN A 235 14.90 11.56 2.71
N ARG A 236 13.92 12.30 3.22
CA ARG A 236 13.42 13.45 2.47
C ARG A 236 13.27 14.70 3.35
N ALA A 237 13.00 14.53 4.64
CA ALA A 237 12.68 15.65 5.51
C ALA A 237 13.95 16.33 6.02
N PRO A 238 13.84 17.60 6.44
CA PRO A 238 15.02 18.34 6.92
C PRO A 238 15.64 17.78 8.21
N ASN A 239 14.83 17.62 9.26
CA ASN A 239 15.33 17.03 10.51
C ASN A 239 15.34 15.50 10.37
N ALA A 240 16.02 15.05 9.31
CA ALA A 240 15.94 13.65 8.91
C ALA A 240 16.45 12.69 9.98
N THR A 241 17.26 13.17 10.93
CA THR A 241 17.86 12.29 11.92
C THR A 241 16.81 11.77 12.90
N ILE A 242 15.97 12.65 13.41
CA ILE A 242 14.92 12.23 14.33
C ILE A 242 14.00 11.19 13.66
N TYR A 243 13.80 11.28 12.36
CA TYR A 243 13.01 10.28 11.65
C TYR A 243 13.78 8.98 11.48
N LEU A 244 15.10 9.05 11.29
CA LEU A 244 15.89 7.83 11.24
C LEU A 244 15.88 7.13 12.60
N ASP A 245 16.03 7.90 13.69
CA ASP A 245 15.90 7.32 15.01
C ASP A 245 14.54 6.65 15.19
N ARG A 246 13.47 7.36 14.82
CA ARG A 246 12.13 6.80 15.02
C ARG A 246 11.92 5.54 14.17
N ALA A 247 12.41 5.54 12.92
CA ALA A 247 12.23 4.38 12.05
C ALA A 247 13.02 3.19 12.54
N GLN A 248 14.27 3.40 12.96
CA GLN A 248 15.06 2.31 13.51
C GLN A 248 14.43 1.77 14.79
N GLN A 249 13.97 2.67 15.65
CA GLN A 249 13.27 2.23 16.86
C GLN A 249 11.97 1.51 16.50
N ALA A 250 11.25 1.99 15.48
CA ALA A 250 9.98 1.33 15.13
C ALA A 250 10.21 -0.06 14.55
N TRP A 251 11.23 -0.22 13.71
CA TRP A 251 11.48 -1.53 13.13
C TRP A 251 11.89 -2.53 14.20
N THR A 252 12.69 -2.08 15.16
CA THR A 252 13.08 -2.95 16.26
C THR A 252 11.85 -3.42 17.04
N TRP A 253 10.89 -2.54 17.31
CA TRP A 253 9.69 -2.98 18.02
C TRP A 253 8.90 -3.98 17.20
N PHE A 254 8.68 -3.66 15.91
CA PHE A 254 7.89 -4.54 15.05
C PHE A 254 8.52 -5.93 15.00
N LEU A 255 9.83 -6.00 14.79
CA LEU A 255 10.49 -7.28 14.64
C LEU A 255 10.34 -8.10 15.91
N GLY A 256 10.65 -7.51 17.06
CA GLY A 256 10.44 -8.15 18.33
C GLY A 256 9.02 -8.25 18.83
N SER A 257 8.02 -7.78 18.06
CA SER A 257 6.65 -7.78 18.56
C SER A 257 6.01 -9.16 18.47
N GLY A 258 6.47 -10.00 17.54
CA GLY A 258 5.92 -11.32 17.36
C GLY A 258 5.00 -11.45 16.16
N MET A 259 4.61 -10.34 15.54
CA MET A 259 3.71 -10.37 14.39
C MET A 259 4.33 -11.07 13.19
N ILE A 260 5.65 -11.06 13.08
CA ILE A 260 6.35 -11.89 12.09
C ILE A 260 6.49 -13.29 12.70
N ASN A 261 5.81 -14.27 12.09
CA ASN A 261 5.63 -15.58 12.69
C ASN A 261 6.73 -16.52 12.20
N GLY A 262 6.51 -17.84 12.33
CA GLY A 262 7.57 -18.80 12.12
C GLY A 262 7.96 -19.01 10.68
N VAL A 263 7.10 -18.65 9.74
CA VAL A 263 7.43 -18.73 8.32
C VAL A 263 7.68 -17.34 7.72
N ASN A 264 7.96 -16.33 8.57
CA ASN A 264 8.31 -14.98 8.11
C ASN A 264 7.15 -14.30 7.38
N LEU A 265 5.93 -14.61 7.77
CA LEU A 265 4.75 -13.86 7.34
C LEU A 265 4.22 -13.09 8.54
N ILE A 266 3.36 -12.12 8.26
CA ILE A 266 2.94 -11.15 9.26
C ILE A 266 1.45 -11.33 9.49
N ASN A 267 1.10 -11.79 10.69
CA ASN A 267 -0.29 -11.89 11.10
C ASN A 267 -0.89 -10.50 11.31
N ASP A 268 -2.21 -10.46 11.49
CA ASP A 268 -2.93 -9.20 11.38
C ASP A 268 -2.55 -8.20 12.47
N GLY A 269 -2.38 -8.66 13.70
CA GLY A 269 -2.06 -7.72 14.76
C GLY A 269 -1.70 -8.41 16.05
N LEU A 270 -1.76 -7.65 17.14
CA LEU A 270 -1.46 -8.17 18.46
C LEU A 270 -2.72 -8.24 19.31
N ALA A 271 -2.65 -9.07 20.35
CA ALA A 271 -3.64 -9.12 21.42
C ALA A 271 -2.91 -9.00 22.74
N ARG A 272 -3.64 -8.59 23.78
CA ARG A 272 -3.01 -8.32 25.06
C ARG A 272 -3.46 -9.35 26.09
N ASP A 273 -2.50 -9.85 26.86
CA ASP A 273 -2.80 -10.80 27.91
C ASP A 273 -3.65 -10.15 28.99
N SER A 274 -4.71 -10.86 29.39
CA SER A 274 -5.66 -10.31 30.35
C SER A 274 -5.02 -10.10 31.72
N ASN A 275 -4.19 -11.04 32.15
CA ASN A 275 -3.61 -10.99 33.49
C ASN A 275 -2.24 -10.36 33.55
N THR A 276 -1.46 -10.44 32.46
CA THR A 276 -0.08 -9.97 32.48
C THR A 276 0.18 -8.68 31.71
N GLY A 277 -0.76 -8.26 30.85
CA GLY A 277 -0.54 -7.07 30.06
C GLY A 277 0.46 -7.21 28.93
N SER A 278 1.07 -8.39 28.76
CA SER A 278 1.97 -8.61 27.64
C SER A 278 1.17 -8.91 26.37
N CYS A 279 1.79 -8.61 25.24
CA CYS A 279 1.13 -8.74 23.95
C CYS A 279 1.67 -9.99 23.24
N TYR A 280 0.86 -10.53 22.34
CA TYR A 280 1.28 -11.66 21.52
C TYR A 280 0.56 -11.58 20.18
N ASN A 281 1.25 -12.04 19.14
CA ASN A 281 0.65 -12.33 17.84
C ASN A 281 -0.74 -12.93 18.02
N ASN A 282 -1.76 -12.24 17.51
CA ASN A 282 -3.12 -12.71 17.71
C ASN A 282 -3.54 -13.80 16.73
N ARG A 283 -2.63 -14.28 15.87
CA ARG A 283 -2.88 -15.36 14.93
C ARG A 283 -4.04 -15.08 13.98
N LEU A 284 -4.46 -13.83 13.84
CA LEU A 284 -5.47 -13.46 12.86
C LEU A 284 -4.88 -13.61 11.45
N PRO A 285 -5.72 -13.52 10.41
CA PRO A 285 -5.23 -13.88 9.06
C PRO A 285 -3.97 -13.17 8.59
N VAL A 286 -3.32 -13.80 7.61
CA VAL A 286 -2.15 -13.25 6.94
C VAL A 286 -2.67 -12.55 5.67
N TRP A 287 -2.73 -11.23 5.72
CA TRP A 287 -3.26 -10.45 4.60
C TRP A 287 -2.13 -9.98 3.71
N THR A 288 -2.38 -9.98 2.39
CA THR A 288 -1.29 -9.70 1.46
C THR A 288 -0.71 -8.30 1.64
N TYR A 289 -1.54 -7.31 1.99
CA TYR A 289 -0.98 -5.97 2.16
C TYR A 289 -0.14 -5.82 3.42
N ASN A 290 -0.27 -6.76 4.38
CA ASN A 290 0.57 -6.73 5.58
C ASN A 290 1.94 -7.34 5.35
N GLN A 291 2.16 -7.92 4.17
CA GLN A 291 3.47 -8.39 3.76
C GLN A 291 4.09 -7.46 2.73
N GLY A 292 3.34 -6.46 2.25
CA GLY A 292 3.84 -5.52 1.27
C GLY A 292 4.34 -4.24 1.90
N VAL A 293 3.48 -3.55 2.65
CA VAL A 293 3.85 -2.23 3.17
C VAL A 293 5.16 -2.31 3.95
N ILE A 294 5.38 -3.40 4.70
CA ILE A 294 6.63 -3.57 5.43
C ILE A 294 7.83 -3.62 4.49
N LEU A 295 7.64 -4.12 3.25
CA LEU A 295 8.76 -4.18 2.31
C LEU A 295 9.21 -2.78 1.92
N GLY A 296 8.25 -1.91 1.58
CA GLY A 296 8.58 -0.53 1.30
C GLY A 296 9.31 0.14 2.45
N ALA A 297 8.89 -0.16 3.68
CA ALA A 297 9.55 0.45 4.83
C ALA A 297 10.99 -0.03 4.96
N LEU A 298 11.24 -1.31 4.67
CA LEU A 298 12.61 -1.81 4.77
C LEU A 298 13.47 -1.32 3.62
N VAL A 299 12.86 -1.10 2.45
CA VAL A 299 13.60 -0.50 1.35
C VAL A 299 13.99 0.93 1.69
N GLU A 300 13.05 1.70 2.24
CA GLU A 300 13.34 3.07 2.64
C GLU A 300 14.36 3.10 3.78
N LEU A 301 14.26 2.15 4.71
CA LEU A 301 15.26 2.05 5.78
C LEU A 301 16.62 1.69 5.21
N TYR A 302 16.64 0.99 4.08
CA TYR A 302 17.92 0.69 3.45
C TYR A 302 18.50 1.91 2.75
N HIS A 303 17.65 2.68 2.06
CA HIS A 303 18.15 3.87 1.40
C HIS A 303 18.72 4.88 2.40
N ALA A 304 18.17 4.94 3.61
CA ALA A 304 18.64 5.89 4.60
C ALA A 304 19.86 5.42 5.38
N THR A 305 20.12 4.11 5.43
CA THR A 305 21.28 3.58 6.16
C THR A 305 22.33 2.94 5.28
N LYS A 306 21.99 2.58 4.02
CA LYS A 306 22.84 1.78 3.15
C LYS A 306 23.20 0.43 3.80
N ASP A 307 22.29 -0.12 4.62
CA ASP A 307 22.49 -1.39 5.32
C ASP A 307 21.66 -2.47 4.65
N GLU A 308 22.35 -3.40 3.97
CA GLU A 308 21.65 -4.45 3.24
C GLU A 308 20.87 -5.40 4.14
N SER A 309 21.14 -5.42 5.45
CA SER A 309 20.36 -6.26 6.36
C SER A 309 18.87 -5.96 6.27
N TYR A 310 18.50 -4.71 5.98
CA TYR A 310 17.10 -4.38 5.78
C TYR A 310 16.56 -5.03 4.52
N LEU A 311 17.34 -5.00 3.44
CA LEU A 311 16.94 -5.68 2.21
C LEU A 311 16.80 -7.18 2.43
N LEU A 312 17.69 -7.74 3.24
CA LEU A 312 17.64 -9.18 3.52
C LEU A 312 16.40 -9.54 4.31
N SER A 313 16.05 -8.74 5.32
CA SER A 313 14.82 -8.97 6.06
C SER A 313 13.61 -8.86 5.14
N ALA A 314 13.56 -7.82 4.30
CA ALA A 314 12.51 -7.71 3.30
C ALA A 314 12.46 -8.93 2.41
N GLN A 315 13.62 -9.35 1.91
CA GLN A 315 13.66 -10.46 0.97
C GLN A 315 13.13 -11.74 1.58
N ALA A 316 13.32 -11.94 2.88
CA ALA A 316 12.75 -13.12 3.52
C ALA A 316 11.22 -13.06 3.56
N ILE A 317 10.65 -11.88 3.86
CA ILE A 317 9.20 -11.76 3.88
C ILE A 317 8.63 -11.97 2.48
N ALA A 318 9.26 -11.37 1.47
CA ALA A 318 8.83 -11.58 0.09
C ALA A 318 8.95 -13.06 -0.30
N ASP A 319 10.09 -13.69 -0.01
CA ASP A 319 10.29 -15.09 -0.38
C ASP A 319 9.19 -15.98 0.19
N ALA A 320 8.80 -15.73 1.45
CA ALA A 320 7.70 -16.49 2.05
C ALA A 320 6.39 -16.30 1.29
N VAL A 321 6.13 -15.10 0.80
CA VAL A 321 4.91 -14.85 0.03
C VAL A 321 4.95 -15.61 -1.30
N LEU A 322 6.13 -15.66 -1.95
CA LEU A 322 6.21 -16.30 -3.25
C LEU A 322 6.19 -17.82 -3.16
N SER A 323 6.40 -18.36 -1.97
CA SER A 323 6.43 -19.80 -1.76
C SER A 323 5.01 -20.36 -1.81
N PRO A 324 4.69 -21.26 -2.74
CA PRO A 324 3.33 -21.82 -2.80
C PRO A 324 2.93 -22.56 -1.54
N SER A 325 3.89 -23.09 -0.78
CA SER A 325 3.60 -23.83 0.44
C SER A 325 2.88 -22.97 1.48
N ASN A 326 2.91 -21.64 1.33
CA ASN A 326 2.36 -20.74 2.34
C ASN A 326 0.95 -20.27 2.01
N GLY A 327 0.38 -20.72 0.89
CA GLY A 327 -0.99 -20.40 0.55
C GLY A 327 -1.22 -19.02 -0.05
N LEU A 328 -0.21 -18.16 -0.12
CA LEU A 328 -0.44 -16.86 -0.74
C LEU A 328 -0.25 -16.91 -2.24
N THR A 329 0.57 -17.84 -2.72
CA THR A 329 0.88 -18.01 -4.13
C THR A 329 0.22 -19.30 -4.62
N SER A 330 -0.62 -19.19 -5.63
CA SER A 330 -1.33 -20.36 -6.16
C SER A 330 -0.35 -21.29 -6.86
N SER A 331 -0.84 -22.49 -7.19
CA SER A 331 -0.03 -23.46 -7.93
C SER A 331 0.33 -22.96 -9.32
N SER A 332 -0.34 -21.92 -9.79
CA SER A 332 -0.01 -21.28 -11.06
C SER A 332 0.90 -20.08 -10.88
N GLY A 333 1.41 -19.87 -9.67
CA GLY A 333 2.22 -18.71 -9.38
C GLY A 333 1.45 -17.41 -9.37
N VAL A 334 0.17 -17.46 -9.00
CA VAL A 334 -0.70 -16.28 -9.01
C VAL A 334 -1.00 -15.90 -7.57
N LEU A 335 -0.83 -14.62 -7.25
CA LEU A 335 -1.13 -14.12 -5.92
C LEU A 335 -2.62 -14.26 -5.62
N THR A 336 -2.92 -14.73 -4.40
CA THR A 336 -4.28 -15.08 -4.02
C THR A 336 -4.51 -14.68 -2.57
N GLU A 337 -5.46 -13.77 -2.35
CA GLU A 337 -5.93 -13.48 -1.01
C GLU A 337 -6.69 -14.68 -0.46
N THR A 338 -6.66 -14.85 0.87
CA THR A 338 -7.24 -16.03 1.49
C THR A 338 -8.75 -16.10 1.29
N CYS A 339 -9.43 -14.95 1.31
CA CYS A 339 -10.86 -14.86 1.10
C CYS A 339 -11.28 -15.17 -0.34
N GLU A 340 -10.33 -15.28 -1.27
CA GLU A 340 -10.72 -15.53 -2.65
C GLU A 340 -11.36 -16.90 -2.82
N GLY A 341 -10.92 -17.89 -2.05
CA GLY A 341 -11.54 -19.20 -2.07
C GLY A 341 -13.02 -19.19 -1.71
N SER A 342 -13.36 -18.66 -0.53
CA SER A 342 -14.75 -18.59 -0.09
C SER A 342 -15.54 -17.53 -0.82
N ASP A 343 -14.91 -16.79 -1.74
CA ASP A 343 -15.54 -15.69 -2.45
C ASP A 343 -16.13 -14.67 -1.47
N SER A 344 -15.37 -14.31 -0.44
CA SER A 344 -15.88 -13.45 0.63
C SER A 344 -15.00 -12.22 0.86
N CYS A 345 -14.30 -11.72 -0.17
CA CYS A 345 -13.45 -10.55 0.03
C CYS A 345 -14.31 -9.29 0.09
N ASN A 346 -14.12 -8.51 1.16
CA ASN A 346 -14.97 -7.35 1.41
C ASN A 346 -14.37 -6.10 0.76
N GLN A 347 -14.99 -4.93 1.01
CA GLN A 347 -14.55 -3.67 0.42
C GLN A 347 -13.06 -3.43 0.66
N ASP A 348 -12.58 -3.71 1.88
CA ASP A 348 -11.17 -3.49 2.19
C ASP A 348 -10.29 -4.49 1.47
N GLN A 349 -10.56 -5.78 1.65
CA GLN A 349 -9.66 -6.83 1.17
C GLN A 349 -9.54 -6.87 -0.34
N GLN A 350 -10.49 -6.29 -1.08
CA GLN A 350 -10.40 -6.28 -2.53
C GLN A 350 -9.18 -5.54 -3.05
N VAL A 351 -8.58 -4.65 -2.25
CA VAL A 351 -7.47 -3.82 -2.75
C VAL A 351 -6.13 -4.34 -2.29
N PHE A 352 -6.09 -5.35 -1.41
CA PHE A 352 -4.87 -5.71 -0.70
C PHE A 352 -3.75 -6.12 -1.66
N LYS A 353 -4.09 -6.84 -2.74
CA LYS A 353 -3.06 -7.45 -3.57
C LYS A 353 -2.21 -6.40 -4.27
N GLY A 354 -2.86 -5.42 -4.91
CA GLY A 354 -2.12 -4.36 -5.56
C GLY A 354 -1.15 -3.64 -4.66
N VAL A 355 -1.53 -3.42 -3.40
CA VAL A 355 -0.60 -2.78 -2.46
C VAL A 355 0.66 -3.64 -2.31
N PHE A 356 0.49 -4.97 -2.25
CA PHE A 356 1.67 -5.82 -2.14
C PHE A 356 2.52 -5.75 -3.40
N ALA A 357 1.89 -5.82 -4.58
CA ALA A 357 2.66 -5.85 -5.82
C ALA A 357 3.52 -4.61 -5.96
N LEU A 358 2.93 -3.43 -5.75
CA LEU A 358 3.68 -2.20 -5.90
C LEU A 358 4.83 -2.13 -4.91
N ASN A 359 4.62 -2.63 -3.69
CA ASN A 359 5.69 -2.65 -2.71
C ASN A 359 6.78 -3.64 -3.10
N LEU A 360 6.39 -4.80 -3.65
CA LEU A 360 7.39 -5.78 -4.06
C LEU A 360 8.24 -5.24 -5.21
N ALA A 361 7.65 -4.41 -6.08
CA ALA A 361 8.41 -3.77 -7.13
C ALA A 361 9.50 -2.86 -6.57
N GLU A 362 9.22 -2.16 -5.45
CA GLU A 362 10.28 -1.36 -4.83
C GLU A 362 11.37 -2.26 -4.28
N LEU A 363 11.01 -3.40 -3.69
CA LEU A 363 12.03 -4.36 -3.25
C LEU A 363 12.88 -4.83 -4.42
N GLY A 364 12.22 -5.29 -5.49
CA GLY A 364 12.96 -5.79 -6.64
C GLY A 364 13.90 -4.75 -7.23
N ASP A 365 13.43 -3.50 -7.35
CA ASP A 365 14.28 -2.42 -7.85
C ASP A 365 15.47 -2.17 -6.93
N ALA A 366 15.23 -2.07 -5.62
CA ALA A 366 16.32 -1.85 -4.68
C ALA A 366 17.32 -3.01 -4.71
N VAL A 367 16.81 -4.24 -4.79
CA VAL A 367 17.68 -5.42 -4.79
C VAL A 367 18.54 -5.46 -6.04
N ALA A 368 17.94 -5.16 -7.20
CA ALA A 368 18.70 -5.20 -8.44
C ALA A 368 19.80 -4.16 -8.48
N GLY A 369 19.59 -3.00 -7.86
CA GLY A 369 20.59 -1.96 -7.82
C GLY A 369 21.62 -2.12 -6.73
N ALA A 370 21.25 -2.83 -5.66
CA ALA A 370 22.15 -3.04 -4.52
C ALA A 370 23.25 -4.06 -4.83
N SER A 371 23.22 -4.70 -5.99
CA SER A 371 24.22 -5.70 -6.33
C SER A 371 24.51 -5.60 -7.83
N SER A 372 25.75 -5.91 -8.19
CA SER A 372 26.17 -5.89 -9.58
C SER A 372 25.62 -7.07 -10.37
N ASP A 373 25.07 -8.08 -9.70
CA ASP A 373 24.51 -9.23 -10.39
C ASP A 373 23.34 -8.79 -11.27
N PRO A 374 23.34 -9.15 -12.56
CA PRO A 374 22.18 -8.81 -13.40
C PRO A 374 20.92 -9.59 -13.08
N ASP A 375 21.04 -10.73 -12.38
CA ASP A 375 19.88 -11.53 -11.99
C ASP A 375 19.31 -11.10 -10.65
N ALA A 376 19.88 -10.09 -10.00
CA ALA A 376 19.39 -9.64 -8.71
C ALA A 376 17.94 -9.18 -8.82
N GLY A 377 17.06 -9.81 -8.04
CA GLY A 377 15.66 -9.48 -8.09
C GLY A 377 14.91 -9.99 -9.28
N GLN A 378 15.52 -10.85 -10.10
CA GLN A 378 14.83 -11.39 -11.28
C GLN A 378 13.58 -12.19 -10.89
N ASP A 379 13.59 -12.83 -9.72
CA ASP A 379 12.45 -13.63 -9.32
C ASP A 379 11.28 -12.76 -8.91
N TYR A 380 11.55 -11.60 -8.30
CA TYR A 380 10.47 -10.66 -7.97
C TYR A 380 9.86 -10.08 -9.24
N ARG A 381 10.69 -9.72 -10.21
CA ARG A 381 10.16 -9.24 -11.48
C ARG A 381 9.43 -10.34 -12.23
N GLU A 382 9.99 -11.56 -12.22
CA GLU A 382 9.32 -12.71 -12.84
C GLU A 382 7.96 -12.93 -12.21
N TYR A 383 7.86 -12.78 -10.89
CA TYR A 383 6.60 -12.97 -10.20
C TYR A 383 5.57 -11.95 -10.65
N LEU A 384 5.94 -10.66 -10.64
CA LEU A 384 5.00 -9.61 -11.05
C LEU A 384 4.56 -9.81 -12.49
N ASP A 385 5.49 -10.21 -13.36
CA ASP A 385 5.12 -10.46 -14.75
C ASP A 385 4.13 -11.60 -14.85
N THR A 386 4.44 -12.74 -14.22
CA THR A 386 3.52 -13.88 -14.24
C THR A 386 2.12 -13.46 -13.76
N ASN A 387 2.05 -12.72 -12.66
CA ASN A 387 0.76 -12.28 -12.16
C ASN A 387 0.09 -11.30 -13.12
N MET A 388 0.85 -10.48 -13.83
CA MET A 388 0.22 -9.52 -14.74
C MET A 388 -0.50 -10.23 -15.88
N GLN A 389 0.19 -11.18 -16.51
CA GLN A 389 -0.39 -11.89 -17.65
C GLN A 389 -1.61 -12.70 -17.25
N SER A 390 -1.61 -13.24 -16.03
CA SER A 390 -2.79 -13.98 -15.59
C SER A 390 -3.98 -13.04 -15.40
N MET A 391 -3.75 -11.88 -14.78
CA MET A 391 -4.84 -10.93 -14.58
C MET A 391 -5.31 -10.36 -15.91
N TYR A 392 -4.38 -10.09 -16.82
CA TYR A 392 -4.74 -9.58 -18.13
C TYR A 392 -5.66 -10.55 -18.87
N ALA A 393 -5.33 -11.84 -18.87
CA ALA A 393 -6.04 -12.83 -19.67
C ALA A 393 -7.32 -13.35 -19.01
N ASN A 394 -7.37 -13.38 -17.68
CA ASN A 394 -8.46 -14.03 -16.95
C ASN A 394 -9.41 -13.07 -16.25
N ASP A 395 -8.94 -11.88 -15.87
CA ASP A 395 -9.65 -10.99 -14.97
C ASP A 395 -10.11 -9.70 -15.63
N ARG A 396 -9.92 -9.56 -16.94
CA ARG A 396 -10.10 -8.27 -17.60
C ARG A 396 -11.48 -8.16 -18.24
N SER A 397 -12.01 -6.94 -18.25
CA SER A 397 -13.21 -6.61 -19.01
C SER A 397 -13.14 -5.13 -19.36
N GLU A 398 -13.70 -4.78 -20.52
CA GLU A 398 -13.61 -3.41 -21.03
C GLU A 398 -14.97 -2.74 -21.00
N ILE A 399 -14.95 -1.40 -20.79
CA ILE A 399 -16.20 -0.65 -20.75
C ILE A 399 -16.77 -0.53 -22.15
N VAL A 400 -18.10 -0.60 -22.24
CA VAL A 400 -18.81 -0.46 -23.52
C VAL A 400 -18.87 1.02 -23.88
N PRO A 401 -18.24 1.41 -24.98
CA PRO A 401 -18.38 2.80 -25.42
C PRO A 401 -19.77 3.00 -26.00
N THR A 402 -20.22 4.25 -25.98
CA THR A 402 -21.55 4.61 -26.42
C THR A 402 -21.45 5.81 -27.34
N LEU A 403 -22.60 6.20 -27.90
CA LEU A 403 -22.65 7.36 -28.76
C LEU A 403 -22.36 8.64 -27.98
N PHE A 404 -22.74 8.69 -26.71
CA PHE A 404 -22.48 9.84 -25.86
C PHE A 404 -21.16 9.71 -25.10
N ASP A 405 -20.97 8.60 -24.37
CA ASP A 405 -19.77 8.41 -23.55
C ASP A 405 -18.74 7.66 -24.39
N SER A 406 -17.71 8.38 -24.84
CA SER A 406 -16.62 7.79 -25.61
C SER A 406 -15.51 7.24 -24.71
N SER A 407 -15.72 7.22 -23.40
CA SER A 407 -14.70 6.78 -22.46
C SER A 407 -14.37 5.31 -22.65
N THR A 408 -13.08 5.00 -22.72
CA THR A 408 -12.59 3.64 -22.89
C THR A 408 -11.68 3.27 -21.74
N GLY A 409 -11.39 1.99 -21.62
CA GLY A 409 -10.47 1.53 -20.61
C GLY A 409 -10.71 0.06 -20.28
N ASP A 410 -10.15 -0.36 -19.16
CA ASP A 410 -10.20 -1.75 -18.71
C ASP A 410 -10.77 -1.79 -17.30
N LEU A 411 -11.52 -2.86 -17.02
CA LEU A 411 -12.08 -3.13 -15.70
C LEU A 411 -11.61 -4.50 -15.20
N TYR A 412 -11.55 -4.63 -13.87
CA TYR A 412 -10.93 -5.80 -13.26
C TYR A 412 -11.67 -6.21 -11.99
N ASP A 413 -11.75 -7.54 -11.80
CA ASP A 413 -12.35 -8.15 -10.62
C ASP A 413 -11.27 -8.48 -9.60
N VAL A 414 -11.66 -9.16 -8.51
CA VAL A 414 -10.76 -9.37 -7.38
C VAL A 414 -9.74 -10.49 -7.62
N SER A 415 -10.10 -11.52 -8.39
CA SER A 415 -9.22 -12.66 -8.55
C SER A 415 -8.33 -12.47 -9.77
N TRP A 416 -7.01 -12.49 -9.54
CA TRP A 416 -6.08 -12.31 -10.63
C TRP A 416 -5.95 -13.54 -11.52
N SER A 417 -6.61 -14.64 -11.16
CA SER A 417 -6.71 -15.80 -12.03
C SER A 417 -8.14 -16.18 -12.33
N GLY A 418 -9.07 -15.95 -11.39
CA GLY A 418 -10.44 -16.31 -11.59
C GLY A 418 -11.11 -15.45 -12.63
N PRO A 419 -12.39 -15.71 -12.87
CA PRO A 419 -13.12 -15.01 -13.94
C PRO A 419 -13.44 -13.59 -13.53
N PHE A 420 -13.88 -12.80 -14.51
CA PHE A 420 -14.36 -11.45 -14.25
C PHE A 420 -15.87 -11.54 -14.04
N ARG A 421 -16.31 -11.23 -12.82
CA ARG A 421 -17.73 -11.11 -12.51
C ARG A 421 -18.18 -9.65 -12.55
N ASN A 422 -17.57 -8.79 -11.74
CA ASN A 422 -17.84 -7.37 -11.81
C ASN A 422 -16.59 -6.60 -11.42
N ALA A 423 -16.64 -5.28 -11.59
CA ALA A 423 -15.56 -4.41 -11.18
C ALA A 423 -16.06 -3.51 -10.07
N THR A 424 -15.27 -3.42 -9.00
CA THR A 424 -15.49 -2.44 -7.96
C THR A 424 -14.24 -1.58 -7.83
N MET A 425 -14.41 -0.40 -7.24
CA MET A 425 -13.29 0.53 -7.10
C MET A 425 -12.09 -0.10 -6.36
N PRO A 426 -12.26 -0.76 -5.21
CA PRO A 426 -11.09 -1.41 -4.60
C PRO A 426 -10.45 -2.48 -5.48
N LYS A 427 -11.24 -3.19 -6.29
CA LYS A 427 -10.64 -4.17 -7.20
C LYS A 427 -9.88 -3.47 -8.31
N GLN A 428 -10.47 -2.40 -8.85
CA GLN A 428 -9.83 -1.63 -9.90
C GLN A 428 -8.51 -1.03 -9.43
N ALA A 429 -8.49 -0.44 -8.24
CA ALA A 429 -7.27 0.16 -7.71
C ALA A 429 -6.16 -0.87 -7.56
N SER A 430 -6.53 -2.08 -7.10
CA SER A 430 -5.56 -3.17 -6.98
C SER A 430 -5.05 -3.63 -8.33
N ALA A 431 -5.91 -3.68 -9.35
CA ALA A 431 -5.43 -3.96 -10.69
C ALA A 431 -4.39 -2.93 -11.15
N ILE A 432 -4.67 -1.64 -10.96
CA ILE A 432 -3.72 -0.62 -11.38
C ILE A 432 -2.37 -0.83 -10.69
N GLY A 433 -2.40 -1.16 -9.40
CA GLY A 433 -1.17 -1.38 -8.67
C GLY A 433 -0.29 -2.46 -9.29
N LEU A 434 -0.90 -3.54 -9.80
CA LEU A 434 -0.08 -4.60 -10.41
C LEU A 434 0.55 -4.11 -11.71
N TYR A 435 -0.21 -3.42 -12.55
CA TYR A 435 0.35 -2.89 -13.79
C TYR A 435 1.48 -1.92 -13.50
N VAL A 436 1.28 -0.99 -12.56
CA VAL A 436 2.32 -0.02 -12.23
C VAL A 436 3.55 -0.72 -11.65
N ALA A 437 3.34 -1.81 -10.90
CA ALA A 437 4.45 -2.60 -10.39
C ALA A 437 5.33 -3.21 -11.47
N ASN A 438 4.81 -3.32 -12.71
CA ASN A 438 5.57 -3.87 -13.84
C ASN A 438 6.08 -2.79 -14.81
N ILE A 439 5.81 -1.52 -14.52
CA ILE A 439 6.25 -0.40 -15.38
C ILE A 439 7.74 -0.10 -15.17
C1 MAN B . -9.13 0.78 8.08
C2 MAN B . -8.23 0.89 6.82
C3 MAN B . -7.46 -0.39 6.51
C4 MAN B . -8.02 -1.61 7.28
C5 MAN B . -9.56 -1.51 7.32
C6 MAN B . -10.23 -2.72 7.93
O1 MAN B . -9.89 1.98 8.13
O2 MAN B . -7.19 1.88 6.99
O3 MAN B . -6.06 -0.20 6.74
O4 MAN B . -7.61 -2.79 6.62
O5 MAN B . -9.94 -0.37 8.14
O6 MAN B . -9.55 -3.00 9.14
C1 MAN B . -9.79 -4.34 9.63
C2 MAN B . -8.68 -4.55 10.70
C3 MAN B . -7.35 -4.81 9.98
C4 MAN B . -7.45 -5.99 9.01
C5 MAN B . -8.54 -5.73 7.95
C6 MAN B . -8.75 -6.98 7.07
O2 MAN B . -8.95 -5.64 11.59
O3 MAN B . -6.24 -4.99 10.89
O4 MAN B . -6.20 -6.18 8.34
O5 MAN B . -9.80 -5.37 8.60
O6 MAN B . -9.93 -6.86 6.28
C1 MAN C . -17.67 7.87 6.54
C2 MAN C . -17.37 7.82 8.07
C3 MAN C . -15.93 7.31 8.35
C4 MAN C . -15.42 6.41 7.22
C5 MAN C . -15.38 7.18 5.87
C6 MAN C . -15.38 6.28 4.65
O1 MAN C . -18.69 8.86 6.36
O2 MAN C . -18.26 6.93 8.75
O3 MAN C . -15.82 6.63 9.62
O4 MAN C . -14.10 5.92 7.56
O5 MAN C . -16.52 8.11 5.74
O6 MAN C . -14.20 5.47 4.71
C1 MAN D . -9.94 -7.26 16.81
C2 MAN D . -9.91 -5.86 17.46
C3 MAN D . -9.49 -5.86 18.98
C4 MAN D . -8.64 -7.09 19.40
C5 MAN D . -7.90 -7.62 18.19
C6 MAN D . -6.88 -8.70 18.56
O1 MAN D . -9.92 -7.01 15.40
O2 MAN D . -11.21 -5.23 17.36
O3 MAN D . -10.62 -5.71 19.85
O4 MAN D . -7.67 -6.75 20.42
O5 MAN D . -8.91 -8.17 17.27
O6 MAN D . -7.60 -9.86 18.97
#